data_6OQ3
#
_entry.id   6OQ3
#
_cell.length_a   57.110
_cell.length_b   76.830
_cell.length_c   58.210
_cell.angle_alpha   90.000
_cell.angle_beta   92.281
_cell.angle_gamma   90.000
#
_symmetry.space_group_name_H-M   'P 1 21 1'
#
loop_
_entity.id
_entity.type
_entity.pdbx_description
1 polymer 'Krev interaction trapped protein 1'
2 polymer 'Ras-related protein Rap-1b'
3 non-polymer 2-hydroxynaphthalene-1-carbaldehyde
4 non-polymer 'MAGNESIUM ION'
5 non-polymer 'PHOSPHOAMINOPHOSPHONIC ACID-GUANYLATE ESTER'
6 water water
#
loop_
_entity_poly.entity_id
_entity_poly.type
_entity_poly.pdbx_seq_one_letter_code
_entity_poly.pdbx_strand_id
1 'polypeptide(L)'
;GAKPYEKVRIYRMDGSYRSVELKHGNNTTVQQIMEGMRLSQETQQYFTIWICSENLSLQLKPYHKPLQHVRDWPEILAEL
TNLDPQRETPQLFLRRDVRLPLEVEKQIEDPLAILILFDEARYNLLKGFYTAPDAKLITLASLLLQIVYGNYESKKHKQG
FLNEENLKSIVPVTKLKSKAPHWTNRILHEYKNLSTSEGVSKEMHHLQRMFLQNCWEIPTYGAAFFTGQIFTKASPSNHK
VIPVYVGVNIKGLHLLNMETKALLISLKYGCFMWQLGDTDTCFQIHSMENKMSFIVHTKQAGLVVKLLMKLNGQLMPTER
NS
;
A
2 'polypeptide(L)'
;MREYKLVVLGSGGVGKSALTVQFVQGIFVEKYDPTIEDSYRKQVEVDAQQCMLEILDTAGTEQFTAMRDLYMKNGQGFAL
VYSITAQSTFNDLQDLREQILRVKDTDDVPMILVGNKCDLEDERVVGKEQGQNLARQWNNCAFLESSAKSKINVNEIFYD
LVRQINR
;
B
#
loop_
_chem_comp.id
_chem_comp.type
_chem_comp.name
_chem_comp.formula
7WO non-polymer 2-hydroxynaphthalene-1-carbaldehyde 'C11 H8 O2'
GNP non-polymer 'PHOSPHOAMINOPHOSPHONIC ACID-GUANYLATE ESTER' 'C10 H17 N6 O13 P3'
MG non-polymer 'MAGNESIUM ION' 'Mg 2'
#
# COMPACT_ATOMS: atom_id res chain seq x y z
N LYS A 3 9.04 18.43 -21.76
CA LYS A 3 8.46 17.50 -20.72
C LYS A 3 7.77 18.29 -19.60
N PRO A 4 7.99 19.61 -19.41
CA PRO A 4 7.14 20.41 -18.49
C PRO A 4 5.64 20.17 -18.46
N TYR A 5 5.20 19.94 -17.20
CA TYR A 5 3.86 19.80 -16.66
C TYR A 5 4.07 19.58 -15.17
N GLU A 6 3.05 19.78 -14.35
CA GLU A 6 3.28 19.54 -12.93
C GLU A 6 2.75 18.15 -12.58
N LYS A 7 3.30 17.56 -11.52
CA LYS A 7 2.90 16.21 -11.12
C LYS A 7 3.05 16.08 -9.61
N VAL A 8 2.44 15.04 -9.04
CA VAL A 8 2.58 14.80 -7.62
C VAL A 8 2.57 13.28 -7.42
N ARG A 9 3.22 12.83 -6.34
CA ARG A 9 3.16 11.44 -5.95
C ARG A 9 1.96 11.23 -5.02
N ILE A 10 1.10 10.26 -5.37
CA ILE A 10 0.08 9.79 -4.45
C ILE A 10 0.56 8.46 -3.88
N TYR A 11 0.84 8.46 -2.58
CA TYR A 11 1.38 7.30 -1.90
C TYR A 11 0.24 6.38 -1.47
N ARG A 12 0.64 5.14 -1.17
CA ARG A 12 -0.23 4.23 -0.44
C ARG A 12 0.51 3.81 0.83
N MET A 13 -0.21 3.08 1.67
CA MET A 13 0.27 2.76 3.01
C MET A 13 1.54 1.92 2.95
N ASP A 14 1.71 1.16 1.86
CA ASP A 14 2.82 0.22 1.76
C ASP A 14 4.10 0.94 1.33
N GLY A 15 4.01 2.23 1.01
CA GLY A 15 5.17 2.98 0.59
C GLY A 15 5.26 3.12 -0.93
N SER A 16 4.35 2.48 -1.66
CA SER A 16 4.30 2.63 -3.10
C SER A 16 3.68 3.99 -3.47
N TYR A 17 3.79 4.37 -4.73
CA TYR A 17 3.17 5.61 -5.16
C TYR A 17 2.90 5.55 -6.66
N ARG A 18 1.98 6.42 -7.08
CA ARG A 18 1.67 6.65 -8.48
C ARG A 18 1.81 8.15 -8.73
N SER A 19 2.53 8.53 -9.79
CA SER A 19 2.67 9.93 -10.15
C SER A 19 1.49 10.39 -11.01
N VAL A 20 0.95 11.55 -10.66
CA VAL A 20 -0.27 12.01 -11.29
C VAL A 20 -0.01 13.40 -11.83
N GLU A 21 -0.35 13.65 -13.11
CA GLU A 21 -0.17 14.97 -13.68
C GLU A 21 -1.12 15.92 -12.96
N LEU A 22 -0.62 17.11 -12.60
CA LEU A 22 -1.44 18.16 -12.03
C LEU A 22 -1.86 19.12 -13.15
N LYS A 23 -3.01 18.86 -13.78
CA LYS A 23 -3.41 19.64 -14.93
C LYS A 23 -3.48 21.13 -14.58
N HIS A 24 -3.89 21.43 -13.33
CA HIS A 24 -4.13 22.80 -12.92
C HIS A 24 -3.16 23.25 -11.83
N GLY A 25 -1.92 22.72 -11.86
CA GLY A 25 -0.94 23.08 -10.85
C GLY A 25 -1.51 22.90 -9.45
N ASN A 26 -1.21 23.84 -8.54
CA ASN A 26 -1.67 23.75 -7.16
C ASN A 26 -3.19 23.90 -7.09
N ASN A 27 -3.83 24.19 -8.23
CA ASN A 27 -5.26 24.43 -8.26
C ASN A 27 -6.04 23.14 -8.51
N THR A 28 -5.31 22.08 -8.90
CA THR A 28 -5.87 20.75 -9.16
C THR A 28 -6.60 20.28 -7.91
N THR A 29 -7.69 19.53 -8.10
CA THR A 29 -8.52 19.10 -6.99
C THR A 29 -8.32 17.62 -6.72
N VAL A 30 -8.77 17.18 -5.54
CA VAL A 30 -8.85 15.75 -5.22
C VAL A 30 -9.56 15.03 -6.36
N GLN A 31 -10.71 15.56 -6.77
CA GLN A 31 -11.57 14.93 -7.76
C GLN A 31 -10.74 14.68 -9.02
N GLN A 32 -9.92 15.65 -9.42
CA GLN A 32 -9.21 15.56 -10.68
C GLN A 32 -8.02 14.60 -10.53
N ILE A 33 -7.42 14.61 -9.34
CA ILE A 33 -6.30 13.73 -9.04
C ILE A 33 -6.78 12.29 -9.02
N MET A 34 -7.99 12.06 -8.51
CA MET A 34 -8.52 10.72 -8.46
C MET A 34 -8.71 10.19 -9.88
N GLU A 35 -8.93 11.10 -10.84
CA GLU A 35 -9.07 10.74 -12.24
C GLU A 35 -7.73 10.26 -12.80
N GLY A 36 -6.66 10.95 -12.42
CA GLY A 36 -5.31 10.65 -12.88
C GLY A 36 -4.82 9.28 -12.45
N MET A 37 -5.59 8.59 -11.60
CA MET A 37 -5.18 7.27 -11.18
C MET A 37 -5.66 6.24 -12.20
N ARG A 38 -5.22 4.99 -12.03
CA ARG A 38 -5.59 3.86 -12.86
C ARG A 38 -6.76 3.11 -12.22
N LEU A 39 -7.80 3.85 -11.82
CA LEU A 39 -8.95 3.25 -11.16
C LEU A 39 -10.22 3.59 -11.95
N SER A 40 -11.21 2.71 -11.89
CA SER A 40 -12.47 2.91 -12.58
C SER A 40 -13.43 3.72 -11.70
N GLN A 41 -14.70 3.79 -12.11
CA GLN A 41 -15.71 4.43 -11.28
C GLN A 41 -16.14 3.46 -10.18
N GLU A 42 -15.74 2.20 -10.34
CA GLU A 42 -15.95 1.18 -9.33
C GLU A 42 -14.88 1.34 -8.26
N THR A 43 -13.61 1.17 -8.63
CA THR A 43 -12.50 1.29 -7.68
C THR A 43 -12.62 2.60 -6.88
N GLN A 44 -12.79 3.74 -7.58
CA GLN A 44 -12.59 5.07 -7.03
C GLN A 44 -13.58 5.41 -5.92
N GLN A 45 -14.75 4.77 -5.94
CA GLN A 45 -15.83 5.14 -5.03
C GLN A 45 -15.46 4.79 -3.59
N TYR A 46 -14.44 3.94 -3.40
CA TYR A 46 -14.12 3.43 -2.07
C TYR A 46 -13.03 4.25 -1.39
N PHE A 47 -12.41 5.17 -2.12
CA PHE A 47 -11.16 5.73 -1.67
C PHE A 47 -11.15 7.22 -1.93
N THR A 48 -10.26 7.92 -1.24
CA THR A 48 -10.06 9.32 -1.57
C THR A 48 -8.64 9.71 -1.18
N ILE A 49 -8.29 10.96 -1.49
CA ILE A 49 -6.99 11.50 -1.15
C ILE A 49 -7.02 11.98 0.31
N TRP A 50 -6.03 11.51 1.07
CA TRP A 50 -5.71 12.07 2.36
C TRP A 50 -4.41 12.86 2.26
N ILE A 51 -4.24 13.79 3.20
CA ILE A 51 -2.95 14.42 3.40
C ILE A 51 -2.46 14.07 4.81
N CYS A 52 -1.23 13.58 4.91
CA CYS A 52 -0.70 13.09 6.18
C CYS A 52 0.75 13.49 6.37
N SER A 53 1.07 13.89 7.59
CA SER A 53 2.41 13.89 8.15
C SER A 53 2.35 13.00 9.37
N GLU A 54 3.44 12.90 10.14
CA GLU A 54 3.54 11.93 11.23
C GLU A 54 2.49 12.19 12.30
N ASN A 55 2.11 13.46 12.47
CA ASN A 55 1.35 13.80 13.65
C ASN A 55 -0.09 14.19 13.30
N LEU A 56 -0.43 14.12 12.01
CA LEU A 56 -1.76 14.49 11.57
C LEU A 56 -2.08 13.83 10.23
N SER A 57 -3.29 13.29 10.13
CA SER A 57 -3.88 12.74 8.91
C SER A 57 -5.24 13.39 8.73
N LEU A 58 -5.49 13.96 7.56
CA LEU A 58 -6.78 14.55 7.26
C LEU A 58 -7.28 13.92 5.97
N GLN A 59 -8.53 13.45 5.98
CA GLN A 59 -9.16 13.08 4.73
C GLN A 59 -9.60 14.37 4.05
N LEU A 60 -9.25 14.49 2.77
CA LEU A 60 -9.65 15.63 1.97
C LEU A 60 -10.92 15.26 1.22
N LYS A 61 -11.60 16.26 0.66
CA LYS A 61 -12.86 16.08 -0.03
C LYS A 61 -12.70 16.44 -1.51
N PRO A 62 -13.59 15.98 -2.41
CA PRO A 62 -13.47 16.22 -3.85
C PRO A 62 -13.03 17.62 -4.31
N TYR A 63 -13.48 18.65 -3.57
CA TYR A 63 -13.31 20.05 -3.92
C TYR A 63 -11.99 20.58 -3.39
N HIS A 64 -11.35 19.83 -2.49
CA HIS A 64 -10.14 20.31 -1.86
C HIS A 64 -9.02 20.43 -2.90
N LYS A 65 -8.12 21.37 -2.66
CA LYS A 65 -6.90 21.49 -3.44
C LYS A 65 -5.76 20.96 -2.58
N PRO A 66 -5.32 19.69 -2.79
CA PRO A 66 -4.31 19.07 -1.92
C PRO A 66 -2.99 19.82 -1.83
N LEU A 67 -2.51 20.36 -2.95
CA LEU A 67 -1.22 21.04 -2.93
C LEU A 67 -1.30 22.32 -2.10
N GLN A 68 -2.52 22.86 -1.97
CA GLN A 68 -2.71 24.05 -1.14
C GLN A 68 -2.64 23.68 0.33
N HIS A 69 -3.16 22.50 0.68
CA HIS A 69 -3.05 22.01 2.04
C HIS A 69 -1.58 21.68 2.35
N VAL A 70 -0.84 21.23 1.34
CA VAL A 70 0.56 20.94 1.52
C VAL A 70 1.29 22.25 1.83
N ARG A 71 0.96 23.29 1.05
CA ARG A 71 1.52 24.62 1.21
C ARG A 71 1.20 25.17 2.60
N ASP A 72 -0.06 25.05 3.03
CA ASP A 72 -0.55 25.71 4.24
C ASP A 72 -0.42 24.81 5.47
N TRP A 73 0.34 23.71 5.33
CA TRP A 73 0.43 22.69 6.35
C TRP A 73 0.84 23.25 7.71
N PRO A 74 1.87 24.13 7.80
CA PRO A 74 2.31 24.64 9.11
C PRO A 74 1.18 25.40 9.81
N GLU A 75 0.35 26.10 9.04
CA GLU A 75 -0.81 26.78 9.60
C GLU A 75 -1.83 25.75 10.08
N ILE A 76 -1.99 24.65 9.31
CA ILE A 76 -2.95 23.61 9.67
C ILE A 76 -2.49 22.92 10.95
N LEU A 77 -1.18 22.65 11.04
CA LEU A 77 -0.66 21.94 12.20
C LEU A 77 -0.85 22.79 13.44
N ALA A 78 -0.71 24.11 13.25
CA ALA A 78 -0.83 25.12 14.29
C ALA A 78 -2.27 25.15 14.79
N GLU A 79 -3.20 25.06 13.84
CA GLU A 79 -4.62 25.19 14.16
C GLU A 79 -5.14 23.93 14.84
N LEU A 80 -4.62 22.74 14.47
CA LEU A 80 -5.25 21.49 14.85
C LEU A 80 -4.44 20.70 15.87
N THR A 81 -3.17 21.08 16.07
CA THR A 81 -2.29 20.33 16.94
C THR A 81 -1.45 21.29 17.77
N ASN A 82 -0.59 20.71 18.63
CA ASN A 82 0.17 21.45 19.62
C ASN A 82 1.67 21.47 19.28
N LEU A 83 2.04 21.02 18.06
CA LEU A 83 3.43 20.86 17.70
C LEU A 83 3.96 22.13 17.02
N ASP A 84 5.30 22.23 16.96
CA ASP A 84 5.97 23.27 16.19
C ASP A 84 5.82 22.93 14.70
N PRO A 85 5.30 23.88 13.88
CA PRO A 85 4.79 23.55 12.55
C PRO A 85 5.83 23.21 11.47
N GLN A 86 7.09 23.60 11.68
CA GLN A 86 8.16 23.30 10.74
C GLN A 86 8.60 21.85 10.88
N ARG A 87 7.98 21.16 11.85
CA ARG A 87 8.33 19.81 12.27
C ARG A 87 8.42 18.86 11.07
N GLU A 88 7.39 18.86 10.22
CA GLU A 88 7.16 17.77 9.29
C GLU A 88 6.51 18.25 8.00
N THR A 89 6.78 17.53 6.91
CA THR A 89 6.20 17.79 5.62
C THR A 89 5.17 16.70 5.37
N PRO A 90 3.96 17.05 4.91
CA PRO A 90 2.92 16.04 4.66
C PRO A 90 3.17 15.41 3.30
N GLN A 91 2.59 14.23 3.08
CA GLN A 91 2.50 13.69 1.74
C GLN A 91 1.03 13.39 1.46
N LEU A 92 0.70 13.12 0.20
CA LEU A 92 -0.66 12.75 -0.18
C LEU A 92 -0.75 11.24 -0.32
N PHE A 93 -1.85 10.67 0.18
CA PHE A 93 -2.06 9.24 0.12
C PHE A 93 -3.45 8.95 -0.42
N LEU A 94 -3.58 7.80 -1.08
CA LEU A 94 -4.87 7.27 -1.42
C LEU A 94 -5.25 6.26 -0.34
N ARG A 95 -6.40 6.46 0.30
CA ARG A 95 -6.84 5.53 1.34
C ARG A 95 -8.35 5.39 1.28
N ARG A 96 -8.85 4.45 2.09
CA ARG A 96 -10.27 4.21 2.24
C ARG A 96 -10.98 5.50 2.68
N ASP A 97 -12.12 5.79 2.06
CA ASP A 97 -13.00 6.85 2.51
C ASP A 97 -13.58 6.45 3.88
N VAL A 98 -13.45 7.32 4.90
CA VAL A 98 -13.86 6.97 6.26
C VAL A 98 -15.38 6.77 6.31
N ARG A 99 -16.09 7.40 5.37
CA ARG A 99 -17.55 7.35 5.31
C ARG A 99 -18.02 6.04 4.67
N LEU A 100 -17.10 5.25 4.09
CA LEU A 100 -17.52 4.09 3.34
C LEU A 100 -18.27 3.12 4.24
N PRO A 101 -19.60 2.93 4.04
CA PRO A 101 -20.35 1.97 4.85
C PRO A 101 -19.70 0.60 4.74
N LEU A 102 -19.72 -0.09 5.86
CA LEU A 102 -19.18 -1.43 5.88
C LEU A 102 -20.03 -2.35 5.00
N GLU A 103 -21.34 -2.08 4.93
CA GLU A 103 -22.26 -2.87 4.13
CA GLU A 103 -22.17 -2.99 4.15
C GLU A 103 -21.83 -2.84 2.67
N VAL A 104 -21.38 -1.65 2.25
CA VAL A 104 -20.97 -1.43 0.86
C VAL A 104 -19.65 -2.16 0.60
N GLU A 105 -18.70 -2.02 1.52
CA GLU A 105 -17.37 -2.58 1.36
C GLU A 105 -17.47 -4.10 1.24
N LYS A 106 -18.51 -4.66 1.88
CA LYS A 106 -18.74 -6.10 1.87
C LYS A 106 -19.22 -6.55 0.49
N GLN A 107 -19.71 -5.61 -0.32
CA GLN A 107 -20.15 -5.83 -1.69
C GLN A 107 -18.97 -6.02 -2.64
N ILE A 108 -17.76 -5.60 -2.23
CA ILE A 108 -16.68 -5.32 -3.16
C ILE A 108 -16.15 -6.62 -3.77
N GLU A 109 -15.97 -6.62 -5.10
CA GLU A 109 -15.42 -7.80 -5.75
C GLU A 109 -14.14 -7.46 -6.50
N ASP A 110 -13.95 -6.17 -6.81
CA ASP A 110 -12.87 -5.69 -7.65
C ASP A 110 -11.52 -6.00 -7.00
N PRO A 111 -10.63 -6.78 -7.67
CA PRO A 111 -9.35 -7.18 -7.07
C PRO A 111 -8.46 -6.02 -6.65
N LEU A 112 -8.46 -4.92 -7.41
CA LEU A 112 -7.61 -3.81 -7.04
C LEU A 112 -8.14 -3.09 -5.80
N ALA A 113 -9.47 -2.92 -5.71
CA ALA A 113 -10.05 -2.23 -4.56
C ALA A 113 -9.78 -3.06 -3.32
N ILE A 114 -9.83 -4.38 -3.50
CA ILE A 114 -9.59 -5.30 -2.40
C ILE A 114 -8.13 -5.20 -1.94
N LEU A 115 -7.19 -5.14 -2.88
CA LEU A 115 -5.81 -5.13 -2.41
C LEU A 115 -5.48 -3.79 -1.78
N ILE A 116 -6.13 -2.71 -2.21
CA ILE A 116 -5.83 -1.42 -1.63
C ILE A 116 -6.41 -1.36 -0.21
N LEU A 117 -7.62 -1.92 -0.03
CA LEU A 117 -8.23 -1.98 1.27
C LEU A 117 -7.41 -2.89 2.20
N PHE A 118 -6.91 -4.00 1.64
CA PHE A 118 -6.15 -5.00 2.37
C PHE A 118 -4.81 -4.43 2.86
N ASP A 119 -4.11 -3.69 1.98
CA ASP A 119 -2.83 -3.10 2.32
CA ASP A 119 -2.83 -3.11 2.34
C ASP A 119 -3.01 -2.15 3.50
N GLU A 120 -4.07 -1.33 3.45
CA GLU A 120 -4.35 -0.35 4.48
C GLU A 120 -4.70 -1.05 5.81
N ALA A 121 -5.53 -2.09 5.72
CA ALA A 121 -5.92 -2.88 6.88
C ALA A 121 -4.67 -3.48 7.53
N ARG A 122 -3.81 -4.04 6.69
CA ARG A 122 -2.59 -4.68 7.16
C ARG A 122 -1.73 -3.66 7.88
N TYR A 123 -1.63 -2.45 7.31
CA TYR A 123 -0.85 -1.39 7.94
C TYR A 123 -1.36 -1.11 9.35
N ASN A 124 -2.69 -1.07 9.53
CA ASN A 124 -3.28 -0.73 10.82
C ASN A 124 -3.05 -1.87 11.80
N LEU A 125 -3.18 -3.11 11.30
CA LEU A 125 -2.93 -4.24 12.16
C LEU A 125 -1.53 -4.15 12.75
N LEU A 126 -0.53 -4.01 11.87
CA LEU A 126 0.87 -4.13 12.26
C LEU A 126 1.27 -2.97 13.16
N LYS A 127 0.56 -1.84 13.02
CA LYS A 127 0.84 -0.63 13.79
C LYS A 127 0.21 -0.72 15.18
N GLY A 128 -0.78 -1.61 15.34
CA GLY A 128 -1.40 -1.83 16.64
C GLY A 128 -2.76 -1.14 16.80
N PHE A 129 -3.31 -0.59 15.72
CA PHE A 129 -4.54 0.18 15.80
C PHE A 129 -5.78 -0.72 15.80
N TYR A 130 -5.58 -2.03 15.66
CA TYR A 130 -6.68 -3.00 15.64
C TYR A 130 -6.62 -3.83 16.93
N THR A 131 -7.57 -3.58 17.85
CA THR A 131 -7.66 -4.32 19.10
C THR A 131 -8.58 -5.52 18.89
N ALA A 132 -8.07 -6.72 19.17
CA ALA A 132 -8.87 -7.92 18.96
C ALA A 132 -8.35 -9.07 19.83
N PRO A 133 -9.24 -10.04 20.15
CA PRO A 133 -8.84 -11.25 20.87
C PRO A 133 -7.66 -11.94 20.18
N ASP A 134 -6.80 -12.58 20.99
CA ASP A 134 -5.58 -13.22 20.54
C ASP A 134 -5.85 -14.21 19.40
N ALA A 135 -7.03 -14.84 19.39
CA ALA A 135 -7.35 -15.84 18.39
C ALA A 135 -7.59 -15.19 17.03
N LYS A 136 -8.31 -14.06 17.04
CA LYS A 136 -8.58 -13.29 15.83
C LYS A 136 -7.27 -12.79 15.21
N LEU A 137 -6.30 -12.40 16.04
CA LEU A 137 -5.03 -11.89 15.58
C LEU A 137 -4.20 -13.02 14.98
N ILE A 138 -4.35 -14.22 15.54
CA ILE A 138 -3.58 -15.38 15.10
C ILE A 138 -4.06 -15.77 13.70
N THR A 139 -5.37 -15.64 13.49
CA THR A 139 -6.00 -15.87 12.21
C THR A 139 -5.42 -14.88 11.20
N LEU A 140 -5.26 -13.63 11.63
CA LEU A 140 -4.82 -12.62 10.69
C LEU A 140 -3.36 -12.87 10.33
N ALA A 141 -2.55 -13.27 11.31
CA ALA A 141 -1.16 -13.59 11.04
C ALA A 141 -1.05 -14.78 10.09
N SER A 142 -1.98 -15.74 10.21
CA SER A 142 -1.91 -16.94 9.39
C SER A 142 -2.22 -16.62 7.94
N LEU A 143 -3.23 -15.74 7.74
CA LEU A 143 -3.61 -15.30 6.41
C LEU A 143 -2.48 -14.49 5.79
N LEU A 144 -1.82 -13.65 6.60
CA LEU A 144 -0.69 -12.89 6.12
C LEU A 144 0.41 -13.85 5.67
N LEU A 145 0.60 -14.96 6.40
CA LEU A 145 1.62 -15.92 6.04
C LEU A 145 1.33 -16.53 4.67
N GLN A 146 0.05 -16.85 4.43
CA GLN A 146 -0.40 -17.41 3.17
C GLN A 146 -0.22 -16.39 2.06
N ILE A 147 -0.60 -15.14 2.35
CA ILE A 147 -0.59 -14.10 1.34
C ILE A 147 0.83 -13.75 0.92
N VAL A 148 1.75 -13.69 1.90
CA VAL A 148 3.07 -13.12 1.68
C VAL A 148 4.10 -14.22 1.39
N TYR A 149 3.95 -15.38 2.03
CA TYR A 149 4.95 -16.44 1.92
C TYR A 149 4.43 -17.60 1.08
N GLY A 150 3.15 -17.55 0.69
CA GLY A 150 2.57 -18.65 -0.08
C GLY A 150 2.37 -19.90 0.79
N ASN A 151 2.23 -21.06 0.14
CA ASN A 151 1.82 -22.30 0.78
C ASN A 151 2.80 -22.71 1.87
N TYR A 152 2.25 -23.22 2.98
CA TYR A 152 3.06 -23.78 4.05
C TYR A 152 3.90 -24.93 3.50
N GLU A 153 5.15 -24.96 3.93
CA GLU A 153 6.07 -26.06 3.65
C GLU A 153 6.59 -26.56 4.97
N SER A 154 6.33 -27.85 5.24
CA SER A 154 6.87 -28.56 6.38
C SER A 154 8.36 -28.24 6.52
N LYS A 155 9.08 -28.27 5.39
CA LYS A 155 10.53 -28.12 5.37
C LYS A 155 10.96 -26.70 5.74
N LYS A 156 10.32 -25.69 5.14
CA LYS A 156 10.73 -24.31 5.30
C LYS A 156 10.18 -23.71 6.58
N HIS A 157 8.97 -24.12 6.99
CA HIS A 157 8.21 -23.35 7.96
C HIS A 157 8.24 -23.96 9.37
N LYS A 158 8.65 -25.22 9.49
CA LYS A 158 8.45 -26.02 10.70
C LYS A 158 9.00 -25.37 11.97
N GLN A 159 10.32 -25.11 12.01
CA GLN A 159 10.98 -24.72 13.25
C GLN A 159 11.83 -23.47 13.03
N GLY A 160 11.82 -22.59 14.04
CA GLY A 160 12.64 -21.38 14.08
C GLY A 160 12.66 -20.58 12.78
N PHE A 161 11.48 -20.41 12.15
CA PHE A 161 11.29 -19.57 10.98
C PHE A 161 10.53 -18.32 11.39
N LEU A 162 9.71 -18.47 12.43
CA LEU A 162 9.01 -17.35 13.03
C LEU A 162 9.86 -16.74 14.14
N ASN A 163 11.04 -16.26 13.76
CA ASN A 163 11.80 -15.35 14.60
C ASN A 163 11.04 -14.03 14.68
N GLU A 164 11.62 -13.05 15.39
CA GLU A 164 11.04 -11.72 15.50
C GLU A 164 10.98 -11.08 14.12
N GLU A 165 11.99 -11.37 13.29
CA GLU A 165 12.09 -10.90 11.93
C GLU A 165 10.75 -11.11 11.21
N ASN A 166 10.32 -12.38 11.14
CA ASN A 166 9.16 -12.73 10.34
C ASN A 166 7.87 -12.33 11.05
N LEU A 167 7.86 -12.43 12.39
CA LEU A 167 6.67 -12.14 13.18
C LEU A 167 6.24 -10.68 12.98
N LYS A 168 7.24 -9.81 12.82
CA LYS A 168 7.09 -8.37 12.74
C LYS A 168 6.18 -8.04 11.57
N SER A 169 6.21 -8.90 10.57
CA SER A 169 5.45 -8.67 9.35
C SER A 169 4.04 -9.24 9.49
N ILE A 170 3.75 -9.98 10.57
CA ILE A 170 2.47 -10.67 10.62
C ILE A 170 1.66 -10.37 11.90
N VAL A 171 2.28 -9.76 12.93
CA VAL A 171 1.53 -9.49 14.16
C VAL A 171 1.65 -8.01 14.54
N PRO A 172 0.67 -7.44 15.30
CA PRO A 172 0.76 -6.08 15.80
C PRO A 172 2.08 -5.85 16.55
N VAL A 173 2.70 -4.69 16.32
CA VAL A 173 3.98 -4.35 16.90
C VAL A 173 3.84 -4.28 18.42
N THR A 174 2.62 -3.95 18.89
CA THR A 174 2.32 -3.79 20.30
C THR A 174 2.37 -5.13 21.02
N LYS A 175 2.35 -6.22 20.24
CA LYS A 175 2.27 -7.55 20.81
C LYS A 175 3.52 -8.36 20.45
N LEU A 176 4.41 -7.76 19.66
CA LEU A 176 5.52 -8.48 19.04
C LEU A 176 6.38 -9.20 20.09
N LYS A 177 6.48 -8.65 21.31
CA LYS A 177 7.33 -9.26 22.32
C LYS A 177 6.55 -9.53 23.60
N SER A 178 5.22 -9.46 23.52
CA SER A 178 4.37 -9.68 24.69
C SER A 178 3.68 -11.04 24.60
N LYS A 179 2.69 -11.17 23.70
CA LYS A 179 1.99 -12.45 23.54
C LYS A 179 2.32 -13.11 22.21
N ALA A 180 3.09 -12.42 21.34
CA ALA A 180 3.28 -12.93 19.99
C ALA A 180 4.16 -14.18 19.96
N PRO A 181 5.34 -14.22 20.65
CA PRO A 181 6.26 -15.35 20.52
C PRO A 181 5.65 -16.62 21.11
N HIS A 182 4.60 -16.44 21.93
CA HIS A 182 3.81 -17.54 22.48
C HIS A 182 2.81 -18.07 21.46
N TRP A 183 2.76 -17.45 20.28
CA TRP A 183 1.66 -17.73 19.37
C TRP A 183 2.09 -18.65 18.24
N THR A 184 3.40 -18.86 18.13
CA THR A 184 4.02 -19.32 16.90
C THR A 184 3.48 -20.70 16.49
N ASN A 185 3.42 -21.63 17.46
CA ASN A 185 2.83 -22.95 17.27
C ASN A 185 1.49 -22.81 16.56
N ARG A 186 0.66 -21.90 17.07
CA ARG A 186 -0.75 -21.81 16.71
C ARG A 186 -0.93 -21.02 15.41
N ILE A 187 0.00 -20.10 15.10
CA ILE A 187 -0.06 -19.39 13.83
C ILE A 187 0.31 -20.36 12.70
N LEU A 188 1.46 -21.04 12.87
CA LEU A 188 1.96 -22.03 11.94
C LEU A 188 0.91 -23.11 11.68
N HIS A 189 0.29 -23.61 12.76
CA HIS A 189 -0.77 -24.59 12.67
C HIS A 189 -1.86 -24.10 11.73
N GLU A 190 -2.31 -22.86 11.93
CA GLU A 190 -3.40 -22.33 11.12
C GLU A 190 -2.90 -22.01 9.71
N TYR A 191 -1.62 -21.64 9.61
CA TYR A 191 -0.99 -21.43 8.31
C TYR A 191 -1.12 -22.73 7.51
N LYS A 192 -0.58 -23.81 8.07
CA LYS A 192 -0.55 -25.15 7.51
C LYS A 192 -1.98 -25.57 7.12
N ASN A 193 -2.92 -25.30 8.02
CA ASN A 193 -4.33 -25.59 7.84
C ASN A 193 -4.88 -24.84 6.62
N LEU A 194 -4.45 -23.59 6.44
CA LEU A 194 -4.88 -22.80 5.29
C LEU A 194 -4.29 -23.41 4.02
N SER A 195 -2.99 -23.72 4.09
CA SER A 195 -2.23 -24.20 2.95
C SER A 195 -2.87 -25.45 2.36
N THR A 196 -3.14 -26.41 3.24
CA THR A 196 -3.57 -27.75 2.88
C THR A 196 -5.09 -27.86 2.93
N SER A 197 -5.78 -26.71 3.00
CA SER A 197 -7.21 -26.72 2.78
C SER A 197 -7.47 -26.46 1.30
N GLU A 198 -8.04 -27.48 0.64
CA GLU A 198 -8.38 -27.38 -0.77
C GLU A 198 -9.66 -26.58 -0.96
N GLY A 199 -10.37 -26.29 0.15
CA GLY A 199 -11.64 -25.59 0.13
C GLY A 199 -11.51 -24.08 0.29
N VAL A 200 -10.31 -23.63 0.67
CA VAL A 200 -10.02 -22.22 0.84
C VAL A 200 -9.18 -21.76 -0.36
N SER A 201 -9.77 -20.88 -1.19
CA SER A 201 -9.17 -20.39 -2.42
C SER A 201 -7.86 -19.65 -2.14
N LYS A 202 -6.88 -19.82 -3.05
CA LYS A 202 -5.56 -19.23 -2.89
C LYS A 202 -5.36 -18.10 -3.88
N GLU A 203 -6.44 -17.72 -4.58
CA GLU A 203 -6.48 -16.51 -5.37
C GLU A 203 -6.16 -15.32 -4.46
N MET A 204 -5.26 -14.45 -4.93
CA MET A 204 -4.76 -13.33 -4.16
C MET A 204 -5.95 -12.56 -3.56
N HIS A 205 -6.86 -12.09 -4.42
CA HIS A 205 -7.98 -11.28 -3.95
C HIS A 205 -8.87 -12.03 -2.97
N HIS A 206 -8.99 -13.36 -3.13
CA HIS A 206 -9.80 -14.18 -2.24
C HIS A 206 -9.16 -14.26 -0.86
N LEU A 207 -7.85 -14.50 -0.82
CA LEU A 207 -7.15 -14.53 0.46
C LEU A 207 -7.20 -13.17 1.15
N GLN A 208 -7.11 -12.08 0.37
CA GLN A 208 -7.07 -10.75 0.96
C GLN A 208 -8.46 -10.38 1.46
N ARG A 209 -9.51 -10.75 0.70
CA ARG A 209 -10.88 -10.49 1.12
C ARG A 209 -11.17 -11.21 2.44
N MET A 210 -10.62 -12.42 2.60
CA MET A 210 -10.76 -13.21 3.81
C MET A 210 -10.15 -12.44 4.99
N PHE A 211 -8.94 -11.93 4.77
CA PHE A 211 -8.26 -11.07 5.72
C PHE A 211 -9.19 -9.92 6.11
N LEU A 212 -9.75 -9.22 5.12
CA LEU A 212 -10.63 -8.11 5.43
C LEU A 212 -11.82 -8.58 6.27
N GLN A 213 -12.41 -9.72 5.89
CA GLN A 213 -13.59 -10.21 6.59
C GLN A 213 -13.31 -10.27 8.09
N ASN A 214 -12.11 -10.72 8.45
CA ASN A 214 -11.68 -10.84 9.83
C ASN A 214 -11.41 -9.47 10.44
N CYS A 215 -11.23 -8.45 9.59
CA CYS A 215 -10.94 -7.11 10.08
C CYS A 215 -12.22 -6.32 10.26
N TRP A 216 -13.25 -6.68 9.47
CA TRP A 216 -14.53 -6.00 9.54
C TRP A 216 -15.15 -6.15 10.93
N GLU A 217 -14.73 -7.15 11.69
CA GLU A 217 -15.34 -7.43 12.98
C GLU A 217 -14.68 -6.60 14.09
N ILE A 218 -13.46 -6.10 13.82
CA ILE A 218 -12.68 -5.32 14.78
C ILE A 218 -13.33 -3.95 14.97
N PRO A 219 -13.49 -3.45 16.22
CA PRO A 219 -14.28 -2.26 16.48
C PRO A 219 -13.71 -1.00 15.83
N THR A 220 -12.39 -0.96 15.66
CA THR A 220 -11.74 0.24 15.14
C THR A 220 -11.63 0.21 13.62
N TYR A 221 -12.14 -0.85 12.97
CA TYR A 221 -11.93 -1.01 11.53
C TYR A 221 -12.30 0.29 10.80
N GLY A 222 -11.38 0.80 9.97
CA GLY A 222 -11.68 1.90 9.07
C GLY A 222 -11.74 3.27 9.76
N ALA A 223 -11.18 3.35 10.98
CA ALA A 223 -11.26 4.55 11.78
C ALA A 223 -10.30 5.63 11.28
N ALA A 224 -10.81 6.86 11.18
CA ALA A 224 -9.98 8.06 11.20
C ALA A 224 -9.53 8.30 12.64
N PHE A 225 -8.23 8.54 12.82
CA PHE A 225 -7.66 8.71 14.16
C PHE A 225 -7.30 10.17 14.39
N PHE A 226 -7.53 10.62 15.63
CA PHE A 226 -7.20 11.96 16.05
C PHE A 226 -6.43 11.83 17.35
N THR A 227 -5.69 12.89 17.72
CA THR A 227 -4.95 12.86 18.96
C THR A 227 -5.62 13.82 19.94
N GLY A 228 -5.53 13.48 21.23
CA GLY A 228 -5.98 14.38 22.27
C GLY A 228 -5.57 13.83 23.63
N GLN A 229 -6.17 14.38 24.68
CA GLN A 229 -5.83 13.93 26.02
C GLN A 229 -7.09 13.84 26.87
N ILE A 230 -7.08 12.87 27.80
CA ILE A 230 -8.07 12.78 28.86
C ILE A 230 -7.34 12.87 30.19
N PHE A 231 -8.08 13.22 31.25
CA PHE A 231 -7.56 13.28 32.60
C PHE A 231 -8.36 12.33 33.48
N THR A 232 -7.67 11.54 34.32
CA THR A 232 -8.30 10.63 35.28
C THR A 232 -7.90 11.01 36.69
N LYS A 233 -8.37 10.24 37.70
CA LYS A 233 -7.96 10.43 39.08
C LYS A 233 -6.43 10.35 39.15
N ASN A 238 -4.04 13.26 42.23
CA ASN A 238 -5.03 12.31 41.64
C ASN A 238 -5.65 12.96 40.39
N HIS A 239 -4.82 13.27 39.39
CA HIS A 239 -5.28 13.91 38.17
C HIS A 239 -4.23 13.81 37.05
N LYS A 240 -4.09 12.62 36.44
CA LYS A 240 -3.05 12.39 35.45
C LYS A 240 -3.59 12.55 34.03
N VAL A 241 -2.70 13.02 33.16
CA VAL A 241 -2.97 13.15 31.74
C VAL A 241 -2.73 11.79 31.09
N ILE A 242 -3.72 11.29 30.34
CA ILE A 242 -3.52 10.12 29.51
C ILE A 242 -3.65 10.54 28.04
N PRO A 243 -2.53 10.57 27.27
CA PRO A 243 -2.58 10.91 25.85
C PRO A 243 -3.34 9.81 25.11
N VAL A 244 -4.17 10.20 24.14
CA VAL A 244 -5.03 9.21 23.50
C VAL A 244 -5.12 9.44 22.00
N TYR A 245 -5.43 8.33 21.31
CA TYR A 245 -6.02 8.35 19.99
C TYR A 245 -7.53 8.29 20.11
N VAL A 246 -8.18 9.17 19.36
CA VAL A 246 -9.62 9.13 19.20
C VAL A 246 -9.92 8.58 17.80
N GLY A 247 -10.45 7.36 17.76
CA GLY A 247 -10.86 6.74 16.51
C GLY A 247 -12.37 6.87 16.29
N VAL A 248 -12.72 7.53 15.18
CA VAL A 248 -14.08 7.65 14.69
C VAL A 248 -14.20 6.82 13.41
N ASN A 249 -15.03 5.76 13.45
CA ASN A 249 -15.36 4.97 12.27
C ASN A 249 -16.88 4.81 12.17
N ILE A 250 -17.32 4.14 11.10
CA ILE A 250 -18.74 4.00 10.77
C ILE A 250 -19.49 3.24 11.87
N LYS A 251 -18.76 2.59 12.80
CA LYS A 251 -19.36 1.81 13.88
C LYS A 251 -19.52 2.62 15.16
N GLY A 252 -18.63 3.60 15.39
CA GLY A 252 -18.72 4.33 16.65
C GLY A 252 -17.48 5.15 17.00
N LEU A 253 -17.28 5.33 18.31
CA LEU A 253 -16.11 6.01 18.83
C LEU A 253 -15.30 5.05 19.69
N HIS A 254 -13.98 5.19 19.58
CA HIS A 254 -13.03 4.31 20.23
C HIS A 254 -11.90 5.18 20.76
N LEU A 255 -11.49 4.91 22.00
CA LEU A 255 -10.34 5.61 22.54
C LEU A 255 -9.22 4.60 22.71
N LEU A 256 -8.05 4.96 22.19
CA LEU A 256 -6.83 4.18 22.39
C LEU A 256 -5.91 4.97 23.31
N ASN A 257 -5.30 4.27 24.27
CA ASN A 257 -4.12 4.80 24.93
C ASN A 257 -3.07 5.03 23.86
N MET A 258 -2.54 6.26 23.78
CA MET A 258 -1.64 6.65 22.70
C MET A 258 -0.37 5.81 22.73
N GLU A 259 0.15 5.55 23.95
CA GLU A 259 1.45 4.94 24.17
C GLU A 259 1.38 3.45 23.85
N THR A 260 0.30 2.81 24.30
CA THR A 260 0.22 1.35 24.31
C THR A 260 -0.74 0.86 23.24
N LYS A 261 -1.60 1.76 22.74
CA LYS A 261 -2.65 1.48 21.77
C LYS A 261 -3.77 0.64 22.41
N ALA A 262 -3.71 0.44 23.73
CA ALA A 262 -4.73 -0.31 24.46
C ALA A 262 -6.10 0.28 24.21
N LEU A 263 -7.14 -0.57 24.09
CA LEU A 263 -8.48 -0.03 23.88
C LEU A 263 -9.08 0.41 25.21
N LEU A 264 -9.34 1.72 25.34
CA LEU A 264 -9.83 2.29 26.58
C LEU A 264 -11.34 2.20 26.60
N ILE A 265 -12.00 2.86 25.64
CA ILE A 265 -13.43 2.62 25.46
C ILE A 265 -13.75 2.43 23.98
N SER A 266 -14.82 1.67 23.73
CA SER A 266 -15.38 1.53 22.39
C SER A 266 -16.90 1.64 22.49
N LEU A 267 -17.46 2.63 21.77
CA LEU A 267 -18.86 2.97 21.92
C LEU A 267 -19.56 2.89 20.56
N LYS A 268 -20.54 1.99 20.45
CA LYS A 268 -21.40 1.93 19.28
C LYS A 268 -22.30 3.17 19.25
N TYR A 269 -22.58 3.67 18.04
CA TYR A 269 -23.47 4.80 17.84
C TYR A 269 -24.85 4.48 18.39
N GLY A 270 -25.49 5.48 19.00
CA GLY A 270 -26.75 5.29 19.71
C GLY A 270 -26.58 4.51 21.01
N CYS A 271 -25.34 4.43 21.49
CA CYS A 271 -25.07 4.04 22.87
C CYS A 271 -24.26 5.14 23.55
N PHE A 272 -24.26 6.32 22.93
CA PHE A 272 -23.51 7.43 23.50
C PHE A 272 -23.93 8.73 22.81
N MET A 273 -23.60 9.84 23.46
CA MET A 273 -23.86 11.18 22.98
C MET A 273 -22.58 12.00 23.10
N TRP A 274 -22.49 13.08 22.33
CA TRP A 274 -21.33 13.96 22.36
C TRP A 274 -21.79 15.41 22.36
N GLN A 275 -20.93 16.28 22.90
CA GLN A 275 -21.10 17.72 22.79
C GLN A 275 -19.74 18.36 22.55
N LEU A 276 -19.68 19.27 21.58
CA LEU A 276 -18.46 20.01 21.25
C LEU A 276 -18.30 21.17 22.23
N GLY A 277 -17.04 21.55 22.51
CA GLY A 277 -16.75 22.66 23.40
C GLY A 277 -17.09 24.01 22.77
N ASP A 278 -17.27 25.04 23.62
CA ASP A 278 -17.63 26.38 23.17
C ASP A 278 -16.42 27.04 22.50
N THR A 279 -15.21 26.67 22.96
CA THR A 279 -13.96 27.21 22.43
C THR A 279 -13.40 26.30 21.33
N ASP A 280 -14.16 25.25 20.97
CA ASP A 280 -13.77 24.30 19.94
C ASP A 280 -12.37 23.74 20.23
N THR A 281 -12.19 23.10 21.40
CA THR A 281 -10.90 22.57 21.81
C THR A 281 -11.07 21.26 22.59
N CYS A 282 -12.32 20.93 22.93
CA CYS A 282 -12.64 19.69 23.63
C CYS A 282 -14.04 19.23 23.24
N PHE A 283 -14.37 17.99 23.61
CA PHE A 283 -15.70 17.43 23.41
C PHE A 283 -15.98 16.50 24.57
N GLN A 284 -17.27 16.38 24.93
CA GLN A 284 -17.69 15.49 25.99
C GLN A 284 -18.43 14.30 25.40
N ILE A 285 -18.18 13.12 25.98
CA ILE A 285 -18.89 11.91 25.60
C ILE A 285 -19.74 11.46 26.79
N HIS A 286 -21.06 11.48 26.57
CA HIS A 286 -22.03 10.97 27.51
C HIS A 286 -22.43 9.57 27.05
N SER A 287 -22.08 8.56 27.84
CA SER A 287 -22.32 7.18 27.46
C SER A 287 -23.75 6.75 27.82
N MET A 288 -24.73 7.25 27.03
CA MET A 288 -26.15 7.04 27.29
C MET A 288 -26.44 5.59 27.68
N GLU A 289 -27.21 5.45 28.77
CA GLU A 289 -27.60 4.17 29.34
C GLU A 289 -26.36 3.38 29.76
N ASN A 290 -25.35 4.10 30.25
CA ASN A 290 -24.14 3.49 30.80
C ASN A 290 -23.66 4.29 32.02
N LYS A 291 -24.32 5.43 32.25
CA LYS A 291 -24.19 6.29 33.42
C LYS A 291 -22.73 6.72 33.66
N MET A 292 -22.01 6.96 32.56
CA MET A 292 -20.60 7.35 32.57
C MET A 292 -20.39 8.52 31.61
N SER A 293 -19.25 9.21 31.76
CA SER A 293 -18.95 10.40 30.97
C SER A 293 -17.43 10.61 30.91
N PHE A 294 -16.97 11.36 29.91
CA PHE A 294 -15.57 11.77 29.85
C PHE A 294 -15.38 12.89 28.83
N ILE A 295 -14.33 13.68 29.05
CA ILE A 295 -14.01 14.78 28.16
C ILE A 295 -12.63 14.53 27.55
N VAL A 296 -12.53 14.83 26.25
CA VAL A 296 -11.27 14.70 25.55
C VAL A 296 -10.82 16.09 25.12
N HIS A 297 -9.58 16.44 25.49
CA HIS A 297 -8.98 17.70 25.10
C HIS A 297 -8.15 17.46 23.84
N THR A 298 -8.45 18.23 22.78
CA THR A 298 -7.74 18.20 21.50
C THR A 298 -8.22 19.37 20.65
N LYS A 299 -7.30 19.98 19.92
CA LYS A 299 -7.65 21.02 18.98
C LYS A 299 -8.35 20.42 17.75
N GLN A 300 -8.50 19.08 17.74
CA GLN A 300 -9.19 18.41 16.66
C GLN A 300 -10.67 18.17 16.99
N ALA A 301 -11.10 18.60 18.19
CA ALA A 301 -12.43 18.32 18.71
C ALA A 301 -13.52 18.64 17.68
N GLY A 302 -13.33 19.77 16.97
CA GLY A 302 -14.23 20.19 15.91
C GLY A 302 -14.38 19.13 14.83
N LEU A 303 -13.24 18.60 14.36
CA LEU A 303 -13.26 17.61 13.29
C LEU A 303 -13.91 16.32 13.80
N VAL A 304 -13.60 15.96 15.05
CA VAL A 304 -14.08 14.72 15.63
C VAL A 304 -15.61 14.74 15.64
N VAL A 305 -16.16 15.90 16.03
CA VAL A 305 -17.58 16.04 16.25
C VAL A 305 -18.31 16.05 14.90
N LYS A 306 -17.78 16.82 13.93
CA LYS A 306 -18.35 16.81 12.58
C LYS A 306 -18.44 15.38 12.04
N LEU A 307 -17.38 14.59 12.26
CA LEU A 307 -17.31 13.25 11.66
C LEU A 307 -18.26 12.30 12.38
N LEU A 308 -18.31 12.43 13.71
CA LEU A 308 -19.22 11.64 14.52
C LEU A 308 -20.64 11.81 14.01
N MET A 309 -20.99 13.06 13.69
CA MET A 309 -22.34 13.40 13.29
C MET A 309 -22.67 12.71 11.96
N LYS A 310 -21.76 12.91 10.99
CA LYS A 310 -21.82 12.30 9.67
C LYS A 310 -22.00 10.80 9.81
N LEU A 311 -21.05 10.14 10.49
CA LEU A 311 -21.10 8.69 10.47
C LEU A 311 -22.30 8.19 11.27
N ASN A 312 -22.73 8.97 12.27
CA ASN A 312 -23.94 8.58 12.98
C ASN A 312 -25.16 8.80 12.09
N GLY A 313 -25.19 9.93 11.38
CA GLY A 313 -26.35 10.31 10.59
C GLY A 313 -26.54 9.37 9.40
N GLN A 314 -25.51 8.56 9.15
CA GLN A 314 -25.37 7.76 7.94
C GLN A 314 -26.17 6.47 8.09
N LEU A 315 -26.35 6.02 9.33
CA LEU A 315 -27.26 4.93 9.60
C LEU A 315 -28.70 5.46 9.43
N MET A 316 -29.61 4.59 9.00
CA MET A 316 -31.01 4.94 8.82
C MET A 316 -31.89 3.73 9.19
N MET B 1 16.16 -8.58 5.97
CA MET B 1 15.49 -8.49 4.63
C MET B 1 16.09 -7.32 3.85
N ARG B 2 16.93 -7.67 2.86
CA ARG B 2 17.62 -6.72 2.00
C ARG B 2 16.61 -6.08 1.05
N GLU B 3 16.80 -4.78 0.79
CA GLU B 3 16.04 -4.05 -0.21
C GLU B 3 16.75 -4.13 -1.58
N TYR B 4 15.95 -4.30 -2.63
CA TYR B 4 16.45 -4.39 -3.99
C TYR B 4 15.74 -3.33 -4.82
N LYS B 5 16.50 -2.37 -5.38
CA LYS B 5 15.91 -1.33 -6.20
C LYS B 5 15.94 -1.78 -7.66
N LEU B 6 14.79 -2.17 -8.20
CA LEU B 6 14.68 -2.63 -9.57
C LEU B 6 14.01 -1.55 -10.41
N VAL B 7 14.46 -1.42 -11.66
CA VAL B 7 13.94 -0.43 -12.59
C VAL B 7 13.52 -1.15 -13.86
N VAL B 8 12.28 -0.91 -14.27
CA VAL B 8 11.73 -1.46 -15.51
C VAL B 8 11.80 -0.36 -16.55
N LEU B 9 12.52 -0.61 -17.66
CA LEU B 9 12.78 0.41 -18.67
C LEU B 9 12.36 -0.11 -20.04
N GLY B 10 12.06 0.83 -20.95
CA GLY B 10 11.75 0.51 -22.33
C GLY B 10 10.80 1.54 -22.91
N SER B 11 10.56 1.43 -24.23
CA SER B 11 9.76 2.37 -24.98
C SER B 11 8.29 2.23 -24.61
N GLY B 12 7.52 3.24 -25.00
CA GLY B 12 6.09 3.30 -24.74
C GLY B 12 5.36 2.05 -25.25
N GLY B 13 4.41 1.59 -24.44
CA GLY B 13 3.45 0.59 -24.89
C GLY B 13 3.96 -0.83 -24.78
N VAL B 14 5.19 -1.05 -24.31
CA VAL B 14 5.75 -2.40 -24.34
C VAL B 14 5.15 -3.30 -23.26
N GLY B 15 4.62 -2.72 -22.18
CA GLY B 15 4.05 -3.52 -21.09
C GLY B 15 4.89 -3.49 -19.82
N LYS B 16 5.67 -2.41 -19.64
CA LYS B 16 6.40 -2.20 -18.40
C LYS B 16 5.42 -2.26 -17.22
N SER B 17 4.35 -1.45 -17.29
CA SER B 17 3.38 -1.39 -16.20
C SER B 17 2.65 -2.72 -16.06
N ALA B 18 2.22 -3.30 -17.18
CA ALA B 18 1.45 -4.53 -17.18
C ALA B 18 2.25 -5.63 -16.49
N LEU B 19 3.55 -5.72 -16.81
CA LEU B 19 4.44 -6.71 -16.23
C LEU B 19 4.57 -6.49 -14.73
N THR B 20 4.78 -5.23 -14.34
CA THR B 20 4.97 -4.87 -12.94
C THR B 20 3.71 -5.17 -12.14
N VAL B 21 2.55 -4.71 -12.64
CA VAL B 21 1.28 -4.84 -11.94
C VAL B 21 0.87 -6.30 -11.85
N GLN B 22 1.15 -7.07 -12.90
CA GLN B 22 0.89 -8.49 -12.85
C GLN B 22 1.75 -9.11 -11.74
N PHE B 23 3.04 -8.78 -11.73
CA PHE B 23 3.96 -9.32 -10.73
C PHE B 23 3.52 -8.95 -9.31
N VAL B 24 3.20 -7.68 -9.10
CA VAL B 24 3.01 -7.18 -7.75
C VAL B 24 1.59 -7.50 -7.26
N GLN B 25 0.61 -7.33 -8.16
CA GLN B 25 -0.78 -7.28 -7.74
C GLN B 25 -1.56 -8.45 -8.32
N GLY B 26 -0.97 -9.17 -9.28
CA GLY B 26 -1.63 -10.30 -9.91
C GLY B 26 -2.86 -9.89 -10.74
N ILE B 27 -2.81 -8.71 -11.35
CA ILE B 27 -3.90 -8.17 -12.13
C ILE B 27 -3.35 -7.84 -13.52
N PHE B 28 -4.16 -7.99 -14.57
CA PHE B 28 -3.71 -7.61 -15.90
C PHE B 28 -4.32 -6.28 -16.35
N VAL B 29 -3.46 -5.27 -16.51
CA VAL B 29 -3.88 -3.93 -16.91
C VAL B 29 -4.14 -3.94 -18.41
N GLU B 30 -5.42 -3.72 -18.81
CA GLU B 30 -5.78 -3.71 -20.21
C GLU B 30 -5.64 -2.31 -20.81
N LYS B 31 -6.19 -1.29 -20.14
CA LYS B 31 -6.16 0.06 -20.67
C LYS B 31 -4.71 0.53 -20.79
N TYR B 32 -4.42 1.32 -21.82
CA TYR B 32 -3.10 1.90 -21.96
C TYR B 32 -3.13 3.32 -21.41
N ASP B 33 -2.61 3.46 -20.19
CA ASP B 33 -2.44 4.77 -19.57
CA ASP B 33 -2.43 4.76 -19.55
C ASP B 33 -0.94 5.04 -19.47
N PRO B 34 -0.37 5.90 -20.35
CA PRO B 34 1.05 6.22 -20.29
C PRO B 34 1.46 6.61 -18.87
N THR B 35 2.54 5.98 -18.39
CA THR B 35 2.99 6.11 -17.01
C THR B 35 3.81 7.40 -16.90
N ILE B 36 3.64 8.11 -15.79
CA ILE B 36 4.58 9.19 -15.49
C ILE B 36 5.73 8.56 -14.72
N GLU B 37 5.44 8.01 -13.53
CA GLU B 37 6.42 7.29 -12.73
C GLU B 37 5.72 6.66 -11.54
N ASP B 38 5.74 5.33 -11.48
CA ASP B 38 5.08 4.60 -10.42
C ASP B 38 6.14 3.76 -9.72
N SER B 39 5.97 3.58 -8.42
CA SER B 39 6.87 2.75 -7.64
C SER B 39 6.03 1.73 -6.88
N TYR B 40 6.50 0.49 -6.82
CA TYR B 40 5.74 -0.57 -6.18
C TYR B 40 6.67 -1.27 -5.21
N ARG B 41 6.09 -1.92 -4.21
CA ARG B 41 6.86 -2.63 -3.22
C ARG B 41 6.25 -4.01 -3.09
N LYS B 42 7.11 -5.03 -3.01
CA LYS B 42 6.67 -6.40 -2.92
C LYS B 42 7.74 -7.22 -2.23
N GLN B 43 7.33 -7.97 -1.20
CA GLN B 43 8.22 -8.91 -0.54
C GLN B 43 8.10 -10.25 -1.25
N VAL B 44 9.23 -10.79 -1.70
CA VAL B 44 9.29 -12.10 -2.33
C VAL B 44 10.39 -12.92 -1.64
N GLU B 45 10.50 -14.20 -2.03
CA GLU B 45 11.59 -15.05 -1.58
C GLU B 45 12.44 -15.47 -2.79
N VAL B 46 13.73 -15.11 -2.77
CA VAL B 46 14.62 -15.58 -3.81
C VAL B 46 15.81 -16.29 -3.16
N ASP B 47 16.04 -17.52 -3.62
CA ASP B 47 17.03 -18.44 -3.08
C ASP B 47 17.05 -18.34 -1.56
N ALA B 48 15.91 -18.68 -0.94
CA ALA B 48 15.73 -18.82 0.50
C ALA B 48 15.69 -17.49 1.24
N GLN B 49 15.89 -16.36 0.54
CA GLN B 49 15.95 -15.07 1.22
C GLN B 49 14.64 -14.30 0.99
N GLN B 50 14.07 -13.78 2.09
CA GLN B 50 13.04 -12.76 2.03
C GLN B 50 13.67 -11.45 1.53
N CYS B 51 13.17 -10.97 0.39
CA CYS B 51 13.69 -9.74 -0.20
C CYS B 51 12.56 -8.73 -0.29
N MET B 52 12.85 -7.47 0.02
CA MET B 52 11.91 -6.41 -0.24
C MET B 52 12.25 -5.80 -1.59
N LEU B 53 11.39 -5.99 -2.60
CA LEU B 53 11.62 -5.36 -3.89
C LEU B 53 10.94 -4.00 -3.92
N GLU B 54 11.67 -3.02 -4.44
CA GLU B 54 11.11 -1.74 -4.80
C GLU B 54 11.26 -1.60 -6.31
N ILE B 55 10.13 -1.56 -7.02
CA ILE B 55 10.17 -1.62 -8.46
C ILE B 55 9.70 -0.28 -9.02
N LEU B 56 10.60 0.39 -9.74
CA LEU B 56 10.26 1.63 -10.42
C LEU B 56 9.80 1.30 -11.83
N ASP B 57 8.53 1.64 -12.09
CA ASP B 57 7.91 1.49 -13.39
C ASP B 57 7.98 2.85 -14.08
N THR B 58 8.79 2.95 -15.15
CA THR B 58 9.16 4.23 -15.73
C THR B 58 8.32 4.54 -16.96
N ALA B 59 8.44 5.78 -17.44
CA ALA B 59 7.75 6.28 -18.61
C ALA B 59 8.47 5.85 -19.88
N GLY B 60 7.69 5.51 -20.92
CA GLY B 60 8.26 5.12 -22.20
C GLY B 60 9.08 6.22 -22.89
N THR B 61 8.88 7.49 -22.52
CA THR B 61 9.51 8.57 -23.25
C THR B 61 10.37 9.46 -22.36
N GLU B 62 9.96 9.69 -21.11
CA GLU B 62 10.74 10.55 -20.23
C GLU B 62 10.58 12.02 -20.69
N ALA B 66 14.57 14.21 -17.76
CA ALA B 66 16.02 14.12 -17.44
C ALA B 66 16.25 13.05 -16.38
N MET B 67 15.22 12.23 -16.11
CA MET B 67 15.13 11.42 -14.90
C MET B 67 15.96 10.14 -15.03
N ARG B 68 16.19 9.71 -16.27
CA ARG B 68 16.68 8.37 -16.56
C ARG B 68 18.06 8.17 -15.94
N ASP B 69 18.89 9.21 -16.04
CA ASP B 69 20.22 9.23 -15.48
C ASP B 69 20.15 8.87 -14.00
N LEU B 70 19.24 9.54 -13.29
CA LEU B 70 19.04 9.37 -11.87
C LEU B 70 18.53 7.95 -11.58
N TYR B 71 17.60 7.44 -12.40
CA TYR B 71 17.02 6.11 -12.22
C TYR B 71 18.14 5.08 -12.26
N MET B 72 19.05 5.30 -13.21
CA MET B 72 20.14 4.37 -13.48
C MET B 72 21.19 4.45 -12.37
N LYS B 73 21.52 5.68 -11.94
CA LYS B 73 22.40 5.88 -10.80
C LYS B 73 21.88 5.08 -9.61
N ASN B 74 20.56 5.18 -9.35
CA ASN B 74 19.97 4.65 -8.13
C ASN B 74 19.62 3.17 -8.26
N GLY B 75 19.26 2.72 -9.47
CA GLY B 75 18.81 1.36 -9.65
C GLY B 75 19.95 0.35 -9.46
N GLN B 76 19.63 -0.80 -8.86
CA GLN B 76 20.58 -1.90 -8.72
C GLN B 76 20.41 -2.90 -9.85
N GLY B 77 19.19 -3.00 -10.40
CA GLY B 77 18.87 -3.98 -11.43
C GLY B 77 17.85 -3.44 -12.43
N PHE B 78 18.02 -3.79 -13.71
CA PHE B 78 17.23 -3.20 -14.77
C PHE B 78 16.60 -4.28 -15.65
N ALA B 79 15.29 -4.18 -15.82
CA ALA B 79 14.58 -4.95 -16.82
C ALA B 79 14.39 -4.07 -18.06
N LEU B 80 14.96 -4.51 -19.18
CA LEU B 80 14.85 -3.79 -20.43
C LEU B 80 13.81 -4.50 -21.29
N VAL B 81 12.67 -3.83 -21.53
CA VAL B 81 11.51 -4.50 -22.08
C VAL B 81 11.24 -3.97 -23.48
N TYR B 82 11.04 -4.91 -24.41
CA TYR B 82 10.51 -4.58 -25.72
C TYR B 82 9.23 -5.39 -25.92
N SER B 83 8.45 -4.99 -26.92
CA SER B 83 7.32 -5.79 -27.37
C SER B 83 7.72 -6.62 -28.58
N ILE B 84 7.38 -7.92 -28.60
CA ILE B 84 7.71 -8.77 -29.74
C ILE B 84 6.86 -8.38 -30.94
N THR B 85 6.02 -7.36 -30.72
CA THR B 85 4.97 -6.86 -31.59
C THR B 85 5.45 -5.61 -32.35
N ALA B 86 6.56 -5.01 -31.92
CA ALA B 86 6.92 -3.68 -32.41
C ALA B 86 8.44 -3.49 -32.47
N GLN B 87 8.96 -3.43 -33.71
CA GLN B 87 10.37 -3.47 -34.03
C GLN B 87 11.13 -2.31 -33.39
N SER B 88 10.56 -1.11 -33.47
CA SER B 88 11.22 0.07 -32.93
C SER B 88 11.49 -0.07 -31.44
N THR B 89 10.58 -0.74 -30.70
CA THR B 89 10.74 -0.91 -29.26
C THR B 89 11.97 -1.76 -29.00
N PHE B 90 12.22 -2.72 -29.89
CA PHE B 90 13.41 -3.55 -29.81
C PHE B 90 14.66 -2.73 -30.13
N ASN B 91 14.58 -1.89 -31.17
CA ASN B 91 15.72 -1.10 -31.61
C ASN B 91 16.17 -0.13 -30.51
N ASP B 92 15.18 0.45 -29.82
CA ASP B 92 15.40 1.48 -28.83
C ASP B 92 16.30 0.97 -27.70
N LEU B 93 16.33 -0.35 -27.48
CA LEU B 93 16.93 -0.84 -26.25
C LEU B 93 18.46 -0.74 -26.25
N GLN B 94 19.07 -0.51 -27.42
CA GLN B 94 20.53 -0.46 -27.48
C GLN B 94 21.04 0.72 -26.63
N ASP B 95 20.45 1.91 -26.85
CA ASP B 95 20.82 3.14 -26.18
C ASP B 95 20.57 3.05 -24.68
N LEU B 96 19.46 2.42 -24.28
CA LEU B 96 19.18 2.25 -22.85
C LEU B 96 20.30 1.43 -22.23
N ARG B 97 20.65 0.32 -22.88
CA ARG B 97 21.69 -0.54 -22.37
C ARG B 97 23.00 0.25 -22.28
N GLU B 98 23.27 1.09 -23.29
CA GLU B 98 24.54 1.80 -23.34
C GLU B 98 24.57 2.94 -22.33
N GLN B 99 23.42 3.60 -22.16
CA GLN B 99 23.27 4.66 -21.17
C GLN B 99 23.54 4.12 -19.76
N ILE B 100 22.97 2.96 -19.41
CA ILE B 100 23.14 2.41 -18.07
C ILE B 100 24.62 2.16 -17.82
N LEU B 101 25.27 1.52 -18.80
CA LEU B 101 26.68 1.19 -18.70
C LEU B 101 27.48 2.47 -18.49
N ARG B 102 27.13 3.52 -19.25
CA ARG B 102 27.75 4.83 -19.10
C ARG B 102 27.58 5.32 -17.66
N VAL B 103 26.32 5.33 -17.19
CA VAL B 103 26.00 5.95 -15.91
C VAL B 103 26.60 5.14 -14.77
N LYS B 104 26.67 3.82 -14.92
CA LYS B 104 27.18 2.99 -13.86
C LYS B 104 28.70 2.84 -13.97
N ASP B 105 29.23 3.14 -15.17
CA ASP B 105 30.67 3.12 -15.40
C ASP B 105 31.20 1.71 -15.16
N THR B 106 30.51 0.72 -15.71
CA THR B 106 30.87 -0.69 -15.56
C THR B 106 30.06 -1.52 -16.55
N ASP B 107 30.68 -2.63 -16.98
CA ASP B 107 30.07 -3.63 -17.84
C ASP B 107 29.06 -4.43 -17.02
N ASP B 108 29.30 -4.51 -15.72
CA ASP B 108 28.68 -5.50 -14.85
C ASP B 108 27.54 -4.87 -14.07
N VAL B 109 26.41 -4.64 -14.75
CA VAL B 109 25.19 -4.17 -14.12
C VAL B 109 24.15 -5.27 -14.23
N PRO B 110 23.52 -5.73 -13.11
CA PRO B 110 22.37 -6.64 -13.18
C PRO B 110 21.30 -6.11 -14.12
N MET B 111 20.87 -6.96 -15.06
CA MET B 111 20.17 -6.54 -16.26
C MET B 111 19.51 -7.77 -16.90
N ILE B 112 18.34 -7.56 -17.50
CA ILE B 112 17.65 -8.64 -18.19
C ILE B 112 16.90 -8.06 -19.39
N LEU B 113 17.05 -8.75 -20.52
CA LEU B 113 16.34 -8.42 -21.74
C LEU B 113 15.01 -9.17 -21.69
N VAL B 114 13.91 -8.46 -21.97
CA VAL B 114 12.58 -9.05 -21.84
C VAL B 114 11.79 -8.70 -23.09
N GLY B 115 11.44 -9.74 -23.85
CA GLY B 115 10.51 -9.62 -24.95
C GLY B 115 9.09 -9.95 -24.50
N ASN B 116 8.26 -8.91 -24.39
CA ASN B 116 6.88 -9.03 -23.92
C ASN B 116 5.94 -9.30 -25.09
N LYS B 117 4.64 -9.43 -24.80
CA LYS B 117 3.59 -9.70 -25.78
C LYS B 117 3.87 -11.02 -26.49
N CYS B 118 4.27 -12.05 -25.73
CA CYS B 118 4.57 -13.37 -26.25
C CYS B 118 3.28 -14.08 -26.62
N ASP B 119 2.19 -13.74 -25.92
CA ASP B 119 0.88 -14.28 -26.18
C ASP B 119 0.39 -13.81 -27.54
N LEU B 120 0.94 -12.71 -28.06
CA LEU B 120 0.52 -12.24 -29.38
C LEU B 120 1.41 -12.84 -30.47
N GLU B 121 1.65 -14.15 -30.38
CA GLU B 121 2.49 -14.92 -31.30
C GLU B 121 2.19 -14.56 -32.75
N ASP B 122 0.91 -14.32 -33.06
CA ASP B 122 0.51 -14.06 -34.44
C ASP B 122 1.20 -12.79 -34.93
N GLU B 123 1.19 -11.77 -34.07
CA GLU B 123 1.61 -10.43 -34.47
C GLU B 123 3.12 -10.25 -34.25
N ARG B 124 3.82 -11.35 -33.95
CA ARG B 124 5.25 -11.31 -33.65
C ARG B 124 5.99 -10.68 -34.84
N VAL B 125 6.73 -9.60 -34.55
CA VAL B 125 7.57 -8.99 -35.56
C VAL B 125 9.02 -9.32 -35.21
N VAL B 126 9.30 -9.48 -33.92
CA VAL B 126 10.67 -9.72 -33.49
C VAL B 126 10.81 -11.17 -33.09
N GLY B 127 11.80 -11.85 -33.69
CA GLY B 127 12.01 -13.27 -33.45
C GLY B 127 12.68 -13.53 -32.11
N LYS B 128 12.36 -14.69 -31.53
CA LYS B 128 12.98 -15.12 -30.28
C LYS B 128 14.51 -15.16 -30.47
N GLU B 129 14.95 -15.49 -31.69
CA GLU B 129 16.36 -15.68 -31.99
C GLU B 129 17.07 -14.34 -32.06
N GLN B 130 16.40 -13.34 -32.63
CA GLN B 130 16.88 -11.97 -32.64
CA GLN B 130 16.89 -11.97 -32.64
C GLN B 130 17.07 -11.52 -31.19
N GLY B 131 16.08 -11.88 -30.35
CA GLY B 131 16.13 -11.61 -28.92
C GLY B 131 17.36 -12.21 -28.25
N GLN B 132 17.58 -13.52 -28.46
CA GLN B 132 18.70 -14.21 -27.82
C GLN B 132 20.01 -13.68 -28.39
N ASN B 133 19.99 -13.31 -29.67
CA ASN B 133 21.15 -12.80 -30.37
C ASN B 133 21.58 -11.47 -29.73
N LEU B 134 20.59 -10.61 -29.43
CA LEU B 134 20.90 -9.32 -28.83
C LEU B 134 21.49 -9.52 -27.42
N ALA B 135 20.91 -10.47 -26.67
CA ALA B 135 21.32 -10.72 -25.29
C ALA B 135 22.72 -11.33 -25.24
N ARG B 136 22.98 -12.30 -26.13
CA ARG B 136 24.27 -12.95 -26.28
C ARG B 136 25.34 -11.86 -26.38
N GLN B 137 25.17 -11.01 -27.40
CA GLN B 137 26.03 -9.91 -27.77
C GLN B 137 26.23 -8.94 -26.60
N TRP B 138 25.24 -8.81 -25.72
CA TRP B 138 25.29 -7.91 -24.58
C TRP B 138 25.98 -8.56 -23.38
N ASN B 139 27.09 -9.29 -23.61
CA ASN B 139 27.84 -10.02 -22.60
C ASN B 139 26.96 -11.10 -21.95
N ASN B 140 26.34 -11.97 -22.77
CA ASN B 140 25.53 -13.10 -22.30
C ASN B 140 24.46 -12.63 -21.32
N CYS B 141 23.74 -11.55 -21.69
CA CYS B 141 22.69 -10.98 -20.85
C CYS B 141 21.61 -12.03 -20.60
N ALA B 142 20.96 -11.96 -19.43
CA ALA B 142 19.76 -12.74 -19.21
C ALA B 142 18.70 -12.33 -20.24
N PHE B 143 17.91 -13.31 -20.70
CA PHE B 143 16.90 -13.03 -21.70
C PHE B 143 15.66 -13.88 -21.41
N LEU B 144 14.48 -13.28 -21.57
CA LEU B 144 13.21 -13.96 -21.43
C LEU B 144 12.22 -13.37 -22.43
N GLU B 145 11.34 -14.23 -22.95
CA GLU B 145 10.10 -13.77 -23.54
C GLU B 145 9.00 -13.88 -22.48
N SER B 146 8.12 -12.88 -22.43
CA SER B 146 7.17 -12.85 -21.33
C SER B 146 5.78 -12.48 -21.85
N SER B 147 4.78 -12.74 -21.00
CA SER B 147 3.43 -12.24 -21.21
C SER B 147 2.85 -11.76 -19.88
N ALA B 148 2.45 -10.49 -19.82
CA ALA B 148 1.75 -9.94 -18.67
C ALA B 148 0.34 -10.51 -18.61
N LYS B 149 -0.24 -10.75 -19.79
CA LYS B 149 -1.60 -11.23 -19.92
C LYS B 149 -1.68 -12.67 -19.44
N SER B 150 -0.73 -13.49 -19.91
CA SER B 150 -0.77 -14.93 -19.71
C SER B 150 -0.01 -15.34 -18.46
N LYS B 151 0.84 -14.44 -17.96
CA LYS B 151 1.62 -14.62 -16.73
C LYS B 151 2.89 -15.42 -16.98
N ILE B 152 3.22 -15.70 -18.25
CA ILE B 152 4.43 -16.46 -18.51
C ILE B 152 5.65 -15.60 -18.26
N ASN B 153 6.55 -16.14 -17.44
CA ASN B 153 7.87 -15.60 -17.16
C ASN B 153 7.77 -14.22 -16.49
N VAL B 154 6.64 -13.91 -15.83
CA VAL B 154 6.52 -12.61 -15.18
C VAL B 154 7.37 -12.56 -13.91
N ASN B 155 7.24 -13.56 -13.04
CA ASN B 155 7.96 -13.56 -11.78
C ASN B 155 9.46 -13.63 -12.02
N GLU B 156 9.86 -14.41 -13.03
CA GLU B 156 11.25 -14.74 -13.26
C GLU B 156 12.05 -13.49 -13.62
N ILE B 157 11.38 -12.50 -14.23
CA ILE B 157 12.03 -11.25 -14.58
C ILE B 157 12.70 -10.69 -13.32
N PHE B 158 11.90 -10.63 -12.25
CA PHE B 158 12.27 -9.97 -11.01
C PHE B 158 13.22 -10.86 -10.20
N TYR B 159 12.91 -12.16 -10.10
CA TYR B 159 13.77 -13.11 -9.42
C TYR B 159 15.16 -13.14 -10.03
N ASP B 160 15.23 -13.19 -11.38
CA ASP B 160 16.52 -13.22 -12.03
C ASP B 160 17.32 -11.97 -11.66
N LEU B 161 16.66 -10.82 -11.65
CA LEU B 161 17.36 -9.58 -11.35
C LEU B 161 17.90 -9.63 -9.92
N VAL B 162 17.16 -10.25 -9.00
CA VAL B 162 17.62 -10.32 -7.63
C VAL B 162 18.89 -11.17 -7.56
N ARG B 163 18.84 -12.36 -8.17
CA ARG B 163 19.96 -13.27 -8.22
C ARG B 163 21.22 -12.54 -8.67
N GLN B 164 21.10 -11.78 -9.78
CA GLN B 164 22.23 -11.05 -10.34
C GLN B 164 22.78 -10.05 -9.32
N ILE B 165 21.90 -9.43 -8.54
CA ILE B 165 22.34 -8.43 -7.56
C ILE B 165 23.09 -9.13 -6.44
N ASN B 166 22.63 -10.33 -6.07
CA ASN B 166 23.25 -11.14 -5.04
C ASN B 166 24.61 -11.68 -5.50
N ARG B 167 24.86 -11.62 -6.82
CA ARG B 167 26.16 -11.99 -7.37
C ARG B 167 27.07 -10.76 -7.36
C7 7WO C . -10.01 13.30 9.09
C 7WO C . -14.03 16.65 8.69
C1 7WO C . -13.63 15.36 8.12
C10 7WO C . -12.39 14.69 8.48
C9 7WO C . -11.45 15.22 9.38
C8 7WO C . -10.29 14.55 9.68
C6 7WO C . -10.90 12.75 8.22
C5 7WO C . -12.10 13.43 7.89
C4 7WO C . -13.04 12.86 6.98
C3 7WO C . -14.20 13.50 6.65
C2 7WO C . -14.50 14.75 7.22
O1 7WO C . -15.68 15.31 6.85
O2 7WO C . -14.47 16.76 9.82
MG MG D . 3.49 2.17 -18.14
PG GNP E . 4.24 3.44 -20.99
O1G GNP E . 4.06 3.60 -19.51
O2G GNP E . 5.72 3.52 -21.25
O3G GNP E . 3.55 4.62 -21.65
N3B GNP E . 3.62 2.02 -21.50
PB GNP E . 4.01 0.59 -20.82
O1B GNP E . 3.78 0.67 -19.33
O2B GNP E . 5.31 -0.01 -21.29
O3A GNP E . 2.87 -0.36 -21.38
PA GNP E . 1.54 -0.87 -20.66
O1A GNP E . 1.95 -1.80 -19.56
O2A GNP E . 0.72 0.34 -20.34
O5' GNP E . 0.88 -1.70 -21.86
C5' GNP E . 0.42 -1.03 -23.06
C4' GNP E . -0.71 -1.84 -23.67
O4' GNP E . -0.23 -3.18 -23.96
C3' GNP E . -1.93 -2.04 -22.75
O3' GNP E . -3.13 -1.96 -23.50
C2' GNP E . -1.69 -3.43 -22.16
O2' GNP E . -2.89 -4.06 -21.79
C1' GNP E . -1.02 -4.15 -23.32
N9 GNP E . -0.16 -5.26 -22.91
C8 GNP E . 0.91 -5.14 -22.06
N7 GNP E . 1.54 -6.27 -21.84
C5 GNP E . 0.84 -7.21 -22.59
C6 GNP E . 1.07 -8.60 -22.74
O6 GNP E . 1.96 -9.30 -22.23
N1 GNP E . 0.13 -9.17 -23.59
C2 GNP E . -0.89 -8.50 -24.22
N2 GNP E . -1.69 -9.23 -25.00
N3 GNP E . -1.11 -7.19 -24.08
C4 GNP E . -0.21 -6.61 -23.25
#